data_5IFA
#
_entry.id   5IFA
#
_cell.length_a   79.063
_cell.length_b   124.201
_cell.length_c   47.946
_cell.angle_alpha   90.00
_cell.angle_beta   90.00
_cell.angle_gamma   90.00
#
_symmetry.space_group_name_H-M   'P 21 21 2'
#
loop_
_entity.id
_entity.type
_entity.pdbx_description
1 polymer 'VRC01c-HuGL2 Fab heavy chain'
2 polymer 'VRC01c-HuGL2 Fab light chain'
3 non-polymer 'SULFATE ION'
4 non-polymer 'PENTAETHYLENE GLYCOL'
5 non-polymer GLYCEROL
6 water water
#
loop_
_entity_poly.entity_id
_entity_poly.type
_entity_poly.pdbx_seq_one_letter_code
_entity_poly.pdbx_strand_id
1 'polypeptide(L)'
;QVQLVQSGAEVKKPGASVKVSCKASGYTFTGYYMHWVRQAPGQGLEWMGWINPNSGGTNYAQKFQGRVTMTRDTSISTAY
MELSRLRSDDTAVYYCAKISGSYSFDYWGQGTLVTVSSASTKGPSVFPLAPSSKSTSGGTAALGCLVKDYFPEPVTVSWN
SGALTSGVHTFPAVLQSSGLYSLSSVVTVPSSSLGTQTYICNVNHKPSNTKVDKKVEPKSC
;
H
2 'polypeptide(L)'
;DIVMTQSPDSLAVSLGERATINCKSSQSVLYSSNNKNYLAWYQQKPGQPPKLLIYWASTRESGVPDRFSGSGSGTDFTLT
ISSLQAEDVAVYYCQQYYSFGGGTKVEIKRTVAAPSVFIFPPSDEQLKSGTASVVCLLNNFYPREAKVQWKVDNALQSGN
SQESVTEQDSKDSTYSLSSTLTLSKADYEKHKVYACEVTHQGLRSPVTKSFNRGEC
;
L
#
# COMPACT_ATOMS: atom_id res chain seq x y z
N GLN A 1 13.38 24.00 12.00
CA GLN A 1 12.61 22.86 11.48
C GLN A 1 12.88 22.67 10.00
N VAL A 2 13.62 21.60 9.70
CA VAL A 2 13.91 21.24 8.32
C VAL A 2 12.64 20.66 7.70
N GLN A 3 12.26 21.18 6.54
CA GLN A 3 11.18 20.62 5.76
C GLN A 3 11.62 20.53 4.31
N LEU A 4 11.23 19.44 3.67
CA LEU A 4 11.37 19.24 2.23
C LEU A 4 9.95 19.03 1.71
N VAL A 5 9.50 19.91 0.85
CA VAL A 5 8.11 19.93 0.42
C VAL A 5 8.13 19.77 -1.08
N GLN A 6 7.60 18.65 -1.56
CA GLN A 6 7.60 18.32 -2.97
C GLN A 6 6.30 18.75 -3.61
N SER A 7 6.35 18.85 -4.94
CA SER A 7 5.19 19.20 -5.74
C SER A 7 4.22 18.01 -5.79
N GLY A 8 3.05 18.26 -6.34
CA GLY A 8 1.94 17.33 -6.29
C GLY A 8 2.03 16.19 -7.26
N ALA A 9 1.14 15.20 -7.05
CA ALA A 9 1.14 14.03 -7.91
C ALA A 9 0.95 14.44 -9.36
N GLU A 10 1.51 13.65 -10.27
CA GLU A 10 1.30 13.88 -11.69
C GLU A 10 0.95 12.57 -12.38
N VAL A 11 0.30 12.73 -13.53
CA VAL A 11 -0.03 11.63 -14.42
C VAL A 11 0.61 11.96 -15.75
N LYS A 12 1.34 11.00 -16.33
CA LYS A 12 2.05 11.25 -17.59
C LYS A 12 1.80 10.09 -18.54
N LYS A 13 1.83 10.38 -19.84
CA LYS A 13 1.71 9.26 -20.78
C LYS A 13 3.09 8.71 -21.13
N PRO A 14 3.17 7.45 -21.54
CA PRO A 14 4.47 6.91 -21.99
C PRO A 14 5.10 7.84 -23.02
N GLY A 15 6.41 8.06 -22.87
CA GLY A 15 7.16 8.89 -23.78
C GLY A 15 7.27 10.33 -23.32
N ALA A 16 6.47 10.73 -22.32
CA ALA A 16 6.54 12.12 -21.86
C ALA A 16 7.65 12.28 -20.83
N SER A 17 7.82 13.51 -20.37
CA SER A 17 8.73 13.84 -19.29
C SER A 17 7.92 14.31 -18.10
N VAL A 18 8.50 14.18 -16.91
CA VAL A 18 7.91 14.71 -15.68
C VAL A 18 8.98 15.51 -14.96
N LYS A 19 8.60 16.58 -14.29
CA LYS A 19 9.56 17.33 -13.49
C LYS A 19 8.96 17.48 -12.10
N VAL A 20 9.71 17.05 -11.08
CA VAL A 20 9.28 17.13 -9.69
C VAL A 20 10.16 18.16 -8.99
N SER A 21 9.55 18.97 -8.14
CA SER A 21 10.30 19.96 -7.38
C SER A 21 10.33 19.56 -5.91
N CYS A 22 11.27 20.16 -5.16
CA CYS A 22 11.46 19.83 -3.76
C CYS A 22 12.00 21.11 -3.12
N LYS A 23 11.13 21.80 -2.38
CA LYS A 23 11.48 23.07 -1.75
C LYS A 23 12.03 22.80 -0.36
N ALA A 24 13.29 23.18 -0.12
CA ALA A 24 13.90 22.98 1.18
C ALA A 24 13.79 24.25 2.01
N SER A 25 13.64 24.07 3.32
CA SER A 25 13.70 25.18 4.26
C SER A 25 14.23 24.64 5.58
N GLY A 26 14.66 25.55 6.45
CA GLY A 26 15.10 25.17 7.78
C GLY A 26 16.57 24.84 7.91
N TYR A 27 17.30 24.83 6.80
CA TYR A 27 18.74 24.63 6.83
C TYR A 27 19.30 25.34 5.61
N THR A 28 20.64 25.43 5.57
CA THR A 28 21.35 26.01 4.43
C THR A 28 21.28 25.04 3.26
N PHE A 29 20.47 25.40 2.27
CA PHE A 29 20.22 24.55 1.11
C PHE A 29 21.52 24.12 0.43
N THR A 30 22.45 25.05 0.23
CA THR A 30 23.67 24.73 -0.52
C THR A 30 24.64 23.86 0.25
N GLY A 31 24.42 23.63 1.56
CA GLY A 31 25.36 22.87 2.35
C GLY A 31 25.20 21.37 2.32
N TYR A 32 24.16 20.84 1.68
CA TYR A 32 23.88 19.40 1.73
C TYR A 32 23.45 18.93 0.37
N TYR A 33 24.02 17.82 -0.09
CA TYR A 33 23.61 17.26 -1.37
C TYR A 33 22.17 16.77 -1.26
N MET A 34 21.40 16.96 -2.33
CA MET A 34 20.02 16.50 -2.38
C MET A 34 19.94 15.30 -3.29
N HIS A 35 19.29 14.25 -2.82
CA HIS A 35 19.21 13.01 -3.58
C HIS A 35 17.76 12.75 -3.98
N TRP A 36 17.60 11.91 -4.97
CA TRP A 36 16.26 11.50 -5.35
C TRP A 36 16.15 10.00 -5.26
N VAL A 37 15.06 9.54 -4.68
CA VAL A 37 14.81 8.14 -4.46
C VAL A 37 13.38 7.89 -4.93
N ARG A 38 13.16 6.78 -5.61
CA ARG A 38 11.80 6.49 -6.03
C ARG A 38 11.39 5.11 -5.54
N GLN A 39 10.07 4.91 -5.49
CA GLN A 39 9.50 3.68 -4.96
C GLN A 39 8.24 3.37 -5.75
N ALA A 40 8.32 2.32 -6.57
CA ALA A 40 7.15 1.82 -7.26
C ALA A 40 6.14 1.25 -6.26
N PRO A 41 4.84 1.30 -6.58
CA PRO A 41 3.85 0.85 -5.59
C PRO A 41 4.11 -0.58 -5.17
N GLY A 42 4.17 -0.77 -3.85
CA GLY A 42 4.38 -2.08 -3.29
C GLY A 42 5.79 -2.60 -3.35
N GLN A 43 6.73 -1.80 -3.87
CA GLN A 43 8.10 -2.25 -4.08
C GLN A 43 9.06 -1.43 -3.22
N GLY A 44 10.36 -1.68 -3.41
CA GLY A 44 11.39 -1.10 -2.59
C GLY A 44 11.82 0.28 -3.06
N LEU A 45 12.88 0.76 -2.41
CA LEU A 45 13.42 2.10 -2.63
C LEU A 45 14.57 2.06 -3.63
N GLU A 46 14.57 2.99 -4.59
CA GLU A 46 15.57 2.96 -5.65
C GLU A 46 16.19 4.34 -5.79
N TRP A 47 17.50 4.43 -5.51
CA TRP A 47 18.20 5.70 -5.57
C TRP A 47 18.40 6.12 -7.03
N MET A 48 18.15 7.38 -7.32
CA MET A 48 18.26 7.86 -8.68
C MET A 48 19.50 8.72 -8.95
N GLY A 49 19.97 9.48 -7.97
CA GLY A 49 21.05 10.42 -8.25
C GLY A 49 21.13 11.48 -7.18
N TRP A 50 22.21 12.29 -7.26
CA TRP A 50 22.29 13.46 -6.40
C TRP A 50 22.66 14.70 -7.19
N ILE A 51 22.39 15.83 -6.55
CA ILE A 51 22.82 17.13 -7.02
C ILE A 51 23.52 17.82 -5.86
N ASN A 52 24.64 18.49 -6.18
CA ASN A 52 25.26 19.40 -5.22
C ASN A 52 24.58 20.74 -5.40
N PRO A 53 23.72 21.17 -4.48
CA PRO A 53 23.04 22.45 -4.67
C PRO A 53 23.99 23.62 -4.72
N ASN A 54 25.23 23.47 -4.24
CA ASN A 54 26.18 24.58 -4.27
C ASN A 54 26.86 24.76 -5.63
N SER A 55 26.76 23.79 -6.52
CA SER A 55 27.44 23.88 -7.81
C SER A 55 26.58 23.45 -8.98
N GLY A 56 25.48 22.75 -8.76
CA GLY A 56 24.73 22.13 -9.82
C GLY A 56 25.35 20.84 -10.31
N GLY A 57 26.49 20.44 -9.77
CA GLY A 57 27.07 19.16 -10.14
C GLY A 57 26.17 18.01 -9.75
N THR A 58 26.13 16.99 -10.59
CA THR A 58 25.20 15.89 -10.39
C THR A 58 25.93 14.57 -10.54
N ASN A 59 25.27 13.51 -10.05
CA ASN A 59 25.69 12.15 -10.33
C ASN A 59 24.45 11.29 -10.41
N TYR A 60 24.28 10.54 -11.49
CA TYR A 60 23.06 9.76 -11.66
C TYR A 60 23.35 8.27 -11.65
N ALA A 61 22.40 7.49 -11.12
CA ALA A 61 22.45 6.04 -11.27
C ALA A 61 22.53 5.70 -12.75
N GLN A 62 23.31 4.67 -13.09
CA GLN A 62 23.47 4.31 -14.48
C GLN A 62 22.13 3.96 -15.13
N LYS A 63 21.19 3.43 -14.35
CA LYS A 63 19.88 3.08 -14.88
C LYS A 63 19.11 4.29 -15.39
N PHE A 64 19.43 5.48 -14.88
CA PHE A 64 18.71 6.68 -15.25
C PHE A 64 19.54 7.65 -16.08
N GLN A 65 20.83 7.35 -16.28
N GLN A 65 20.82 7.35 -16.29
CA GLN A 65 21.69 8.20 -17.08
CA GLN A 65 21.67 8.28 -17.03
C GLN A 65 21.06 8.40 -18.46
C GLN A 65 21.15 8.41 -18.45
N GLY A 66 21.04 9.65 -18.91
CA GLY A 66 20.49 9.94 -20.20
C GLY A 66 19.00 10.22 -20.20
N ARG A 67 18.29 9.96 -19.07
CA ARG A 67 16.87 10.28 -18.92
C ARG A 67 16.58 11.21 -17.76
N VAL A 68 17.44 11.26 -16.75
CA VAL A 68 17.20 12.09 -15.59
C VAL A 68 18.07 13.33 -15.71
N THR A 69 17.54 14.43 -15.22
CA THR A 69 18.26 15.70 -15.12
C THR A 69 17.92 16.28 -13.76
N MET A 70 18.91 16.58 -12.94
CA MET A 70 18.63 17.22 -11.66
C MET A 70 19.24 18.59 -11.72
N THR A 71 18.48 19.57 -11.27
CA THR A 71 18.91 20.94 -11.25
C THR A 71 18.48 21.51 -9.91
N ARG A 72 18.92 22.73 -9.63
CA ARG A 72 18.40 23.40 -8.46
C ARG A 72 18.38 24.89 -8.77
N ASP A 73 17.53 25.58 -8.03
CA ASP A 73 17.46 27.02 -8.02
C ASP A 73 17.76 27.44 -6.59
N THR A 74 18.96 27.96 -6.34
CA THR A 74 19.34 28.26 -4.97
C THR A 74 18.59 29.47 -4.43
N SER A 75 18.18 30.39 -5.31
CA SER A 75 17.45 31.56 -4.85
C SER A 75 16.15 31.19 -4.15
N ILE A 76 15.59 30.01 -4.44
CA ILE A 76 14.32 29.62 -3.83
C ILE A 76 14.51 28.24 -3.21
N SER A 77 15.77 27.87 -2.94
CA SER A 77 16.11 26.64 -2.22
C SER A 77 15.32 25.45 -2.73
N THR A 78 15.29 25.29 -4.05
CA THR A 78 14.45 24.26 -4.64
C THR A 78 15.28 23.40 -5.56
N ALA A 79 15.14 22.09 -5.38
CA ALA A 79 15.76 21.07 -6.20
C ALA A 79 14.74 20.49 -7.16
N TYR A 80 15.20 20.07 -8.33
CA TYR A 80 14.31 19.58 -9.35
C TYR A 80 14.85 18.28 -9.89
N MET A 81 13.92 17.38 -10.21
CA MET A 81 14.24 16.12 -10.85
C MET A 81 13.33 15.99 -12.05
N GLU A 82 13.94 15.86 -13.22
CA GLU A 82 13.21 15.62 -14.45
C GLU A 82 13.57 14.23 -14.91
N LEU A 83 12.55 13.44 -15.24
CA LEU A 83 12.72 12.12 -15.82
C LEU A 83 11.99 12.14 -17.15
N SER A 84 12.68 11.79 -18.22
CA SER A 84 12.12 11.87 -19.56
C SER A 84 11.92 10.45 -20.11
N ARG A 85 11.34 10.39 -21.32
CA ARG A 85 11.03 9.15 -22.00
C ARG A 85 10.38 8.15 -21.03
N LEU A 86 9.31 8.60 -20.38
CA LEU A 86 8.68 7.82 -19.32
C LEU A 86 8.04 6.55 -19.86
N ARG A 87 8.11 5.49 -19.09
CA ARG A 87 7.39 4.26 -19.39
C ARG A 87 6.56 3.90 -18.17
N SER A 88 5.60 2.98 -18.33
CA SER A 88 4.70 2.70 -17.21
C SER A 88 5.48 2.19 -16.00
N ASP A 89 6.60 1.53 -16.23
CA ASP A 89 7.37 1.13 -15.05
C ASP A 89 8.11 2.27 -14.41
N ASP A 90 7.93 3.52 -14.84
CA ASP A 90 8.42 4.63 -14.04
C ASP A 90 7.34 5.12 -13.08
N THR A 91 6.18 4.45 -13.08
CA THR A 91 5.16 4.73 -12.08
C THR A 91 5.72 4.50 -10.68
N ALA A 92 5.76 5.55 -9.87
CA ALA A 92 6.41 5.45 -8.56
C ALA A 92 6.15 6.73 -7.79
N VAL A 93 6.38 6.65 -6.49
CA VAL A 93 6.46 7.83 -5.66
C VAL A 93 7.93 8.26 -5.68
N TYR A 94 8.17 9.50 -6.08
CA TYR A 94 9.52 10.04 -6.17
C TYR A 94 9.76 10.88 -4.93
N TYR A 95 10.90 10.65 -4.29
CA TYR A 95 11.24 11.36 -3.07
C TYR A 95 12.50 12.16 -3.30
N CYS A 96 12.53 13.36 -2.73
CA CYS A 96 13.79 14.07 -2.54
C CYS A 96 14.20 13.83 -1.11
N ALA A 97 15.49 13.69 -0.90
CA ALA A 97 15.97 13.45 0.46
C ALA A 97 17.30 14.17 0.59
N LYS A 98 17.46 14.84 1.73
CA LYS A 98 18.68 15.55 2.05
C LYS A 98 19.62 14.56 2.72
N ILE A 99 20.82 14.46 2.22
CA ILE A 99 21.83 13.62 2.81
C ILE A 99 22.42 14.35 3.99
N SER A 100 22.90 13.60 4.96
CA SER A 100 23.55 14.13 6.15
C SER A 100 25.02 13.77 6.13
N GLY A 101 25.73 14.27 7.16
CA GLY A 101 27.14 13.95 7.34
C GLY A 101 27.42 12.48 7.59
N SER A 102 26.43 11.71 8.00
CA SER A 102 26.59 10.27 8.16
C SER A 102 26.21 9.51 6.91
N TYR A 103 26.03 10.22 5.80
CA TYR A 103 25.63 9.65 4.52
C TYR A 103 24.33 8.86 4.65
N SER A 104 23.44 9.33 5.52
CA SER A 104 22.08 8.82 5.64
C SER A 104 21.13 9.94 5.28
N PHE A 105 19.89 9.57 4.98
CA PHE A 105 18.85 10.51 4.59
C PHE A 105 18.00 10.80 5.81
N ASP A 106 18.33 11.88 6.52
CA ASP A 106 17.60 12.20 7.74
C ASP A 106 16.31 12.94 7.47
N TYR A 107 16.18 13.57 6.31
CA TYR A 107 14.99 14.33 5.97
C TYR A 107 14.54 13.94 4.58
N TRP A 108 13.25 13.67 4.44
CA TRP A 108 12.64 13.22 3.20
C TRP A 108 11.49 14.16 2.86
N GLY A 109 11.33 14.44 1.59
CA GLY A 109 10.10 15.01 1.12
C GLY A 109 8.95 14.04 1.34
N GLN A 110 7.74 14.56 1.22
CA GLN A 110 6.60 13.70 1.48
C GLN A 110 6.31 12.74 0.33
N GLY A 111 7.05 12.84 -0.76
CA GLY A 111 6.76 12.00 -1.90
C GLY A 111 5.87 12.64 -2.94
N THR A 112 6.15 12.33 -4.19
CA THR A 112 5.33 12.75 -5.33
C THR A 112 4.95 11.50 -6.10
N LEU A 113 3.67 11.15 -6.10
CA LEU A 113 3.22 10.06 -6.97
C LEU A 113 3.27 10.51 -8.44
N VAL A 114 3.98 9.76 -9.26
CA VAL A 114 3.90 9.96 -10.71
C VAL A 114 3.36 8.66 -11.29
N THR A 115 2.20 8.72 -11.93
CA THR A 115 1.64 7.57 -12.62
C THR A 115 1.92 7.73 -14.11
N VAL A 116 2.53 6.72 -14.70
CA VAL A 116 2.80 6.74 -16.13
C VAL A 116 1.90 5.71 -16.78
N SER A 117 1.01 6.17 -17.62
CA SER A 117 0.00 5.29 -18.18
C SER A 117 -0.65 6.00 -19.36
N SER A 118 -1.16 5.20 -20.29
CA SER A 118 -1.98 5.76 -21.35
C SER A 118 -3.43 5.95 -20.93
N ALA A 119 -3.80 5.46 -19.76
CA ALA A 119 -5.20 5.56 -19.35
C ALA A 119 -5.58 7.02 -19.08
N SER A 120 -6.81 7.36 -19.41
CA SER A 120 -7.33 8.69 -19.15
C SER A 120 -7.96 8.73 -17.75
N THR A 121 -7.80 9.88 -17.08
CA THR A 121 -8.39 10.07 -15.77
C THR A 121 -9.88 9.74 -15.82
N LYS A 122 -10.36 9.03 -14.80
CA LYS A 122 -11.70 8.44 -14.84
C LYS A 122 -12.18 8.20 -13.42
N GLY A 123 -13.34 8.72 -13.08
CA GLY A 123 -13.86 8.50 -11.76
C GLY A 123 -14.44 7.09 -11.64
N PRO A 124 -14.55 6.57 -10.42
CA PRO A 124 -15.03 5.20 -10.24
C PRO A 124 -16.53 5.08 -10.40
N SER A 125 -16.95 3.86 -10.76
CA SER A 125 -18.33 3.46 -10.59
C SER A 125 -18.44 2.78 -9.24
N VAL A 126 -19.47 3.13 -8.45
CA VAL A 126 -19.59 2.66 -7.10
C VAL A 126 -20.85 1.80 -7.01
N PHE A 127 -20.68 0.55 -6.63
CA PHE A 127 -21.75 -0.41 -6.57
C PHE A 127 -21.87 -0.98 -5.17
N PRO A 128 -23.09 -1.10 -4.63
CA PRO A 128 -23.23 -1.63 -3.27
C PRO A 128 -22.88 -3.11 -3.20
N LEU A 129 -22.29 -3.50 -2.08
CA LEU A 129 -22.18 -4.91 -1.69
C LEU A 129 -23.21 -5.07 -0.57
N ALA A 130 -24.39 -5.58 -0.91
CA ALA A 130 -25.50 -5.44 0.01
C ALA A 130 -25.48 -6.55 1.06
N PRO A 131 -25.80 -6.25 2.32
CA PRO A 131 -25.90 -7.31 3.32
C PRO A 131 -27.16 -8.14 3.09
N SER A 132 -27.02 -9.45 3.26
CA SER A 132 -28.18 -10.34 3.25
C SER A 132 -27.86 -11.50 4.18
N SER A 133 -28.64 -12.57 4.09
CA SER A 133 -28.31 -13.78 4.84
C SER A 133 -26.99 -14.37 4.35
N LYS A 134 -26.64 -14.17 3.08
CA LYS A 134 -25.41 -14.73 2.56
C LYS A 134 -24.19 -13.88 2.95
N SER A 135 -24.39 -12.75 3.63
CA SER A 135 -23.30 -12.04 4.29
C SER A 135 -23.65 -11.76 5.75
N THR A 136 -24.13 -12.80 6.45
CA THR A 136 -24.49 -12.75 7.87
C THR A 136 -23.92 -13.96 8.59
N SER A 137 -23.14 -13.71 9.64
CA SER A 137 -22.55 -14.79 10.44
CA SER A 137 -22.54 -14.78 10.44
C SER A 137 -22.61 -14.38 11.91
N GLY A 138 -23.35 -15.17 12.70
CA GLY A 138 -23.46 -14.95 14.14
C GLY A 138 -23.81 -13.54 14.59
N GLY A 139 -24.92 -13.00 14.09
CA GLY A 139 -25.37 -11.67 14.47
C GLY A 139 -24.60 -10.53 13.85
N THR A 140 -23.60 -10.80 13.03
CA THR A 140 -22.81 -9.78 12.36
C THR A 140 -23.08 -9.84 10.86
N ALA A 141 -23.43 -8.71 10.28
CA ALA A 141 -23.61 -8.61 8.84
C ALA A 141 -22.47 -7.79 8.24
N ALA A 142 -22.05 -8.16 7.06
CA ALA A 142 -21.06 -7.38 6.34
C ALA A 142 -21.79 -6.66 5.22
N LEU A 143 -21.40 -5.42 4.96
CA LEU A 143 -21.87 -4.73 3.78
C LEU A 143 -20.68 -3.94 3.23
N GLY A 144 -20.84 -3.35 2.07
CA GLY A 144 -19.72 -2.61 1.52
C GLY A 144 -20.06 -1.91 0.24
N CYS A 145 -19.02 -1.41 -0.41
CA CYS A 145 -19.13 -0.77 -1.72
CA CYS A 145 -19.18 -0.84 -1.74
C CYS A 145 -17.97 -1.22 -2.59
N LEU A 146 -18.26 -1.52 -3.84
CA LEU A 146 -17.27 -1.85 -4.84
C LEU A 146 -16.98 -0.58 -5.65
N VAL A 147 -15.72 -0.17 -5.68
CA VAL A 147 -15.26 1.09 -6.28
C VAL A 147 -14.46 0.70 -7.51
N LYS A 148 -15.08 0.78 -8.69
CA LYS A 148 -14.56 0.06 -9.86
C LYS A 148 -14.12 1.01 -10.97
N ASP A 149 -12.97 0.69 -11.56
CA ASP A 149 -12.58 1.25 -12.86
C ASP A 149 -12.30 2.75 -12.79
N TYR A 150 -11.34 3.11 -11.97
CA TYR A 150 -10.96 4.51 -11.84
C TYR A 150 -9.48 4.67 -12.16
N PHE A 151 -9.09 5.90 -12.51
CA PHE A 151 -7.70 6.21 -12.77
C PHE A 151 -7.51 7.71 -12.58
N PRO A 152 -6.39 8.12 -11.98
CA PRO A 152 -5.33 7.32 -11.35
C PRO A 152 -5.72 7.02 -9.89
N GLU A 153 -4.80 6.42 -9.16
CA GLU A 153 -4.85 6.42 -7.71
C GLU A 153 -4.70 7.88 -7.24
N PRO A 154 -5.19 8.21 -6.02
CA PRO A 154 -5.90 7.35 -5.08
C PRO A 154 -7.40 7.63 -5.01
N VAL A 155 -8.15 6.75 -4.35
CA VAL A 155 -9.49 7.08 -3.89
C VAL A 155 -9.48 6.96 -2.37
N THR A 156 -10.29 7.77 -1.72
CA THR A 156 -10.58 7.56 -0.30
C THR A 156 -12.03 7.12 -0.13
N VAL A 157 -12.27 6.29 0.87
CA VAL A 157 -13.63 5.84 1.21
C VAL A 157 -13.85 6.12 2.69
N SER A 158 -15.01 6.67 3.01
CA SER A 158 -15.49 6.70 4.37
C SER A 158 -16.91 6.13 4.40
N TRP A 159 -17.41 5.93 5.62
CA TRP A 159 -18.75 5.39 5.84
C TRP A 159 -19.51 6.36 6.72
N ASN A 160 -20.75 6.67 6.34
CA ASN A 160 -21.60 7.59 7.11
C ASN A 160 -20.86 8.89 7.42
N SER A 161 -20.13 9.38 6.42
CA SER A 161 -19.36 10.61 6.47
C SER A 161 -18.29 10.60 7.55
N GLY A 162 -17.73 9.42 7.85
CA GLY A 162 -16.69 9.30 8.86
C GLY A 162 -17.20 8.99 10.26
N ALA A 163 -18.52 8.97 10.47
CA ALA A 163 -19.06 8.60 11.77
C ALA A 163 -18.94 7.11 12.02
N LEU A 164 -18.76 6.33 10.97
CA LEU A 164 -18.65 4.88 11.10
C LEU A 164 -17.23 4.50 10.71
N THR A 165 -16.42 4.20 11.72
CA THR A 165 -15.05 3.73 11.51
C THR A 165 -14.81 2.32 12.04
N SER A 166 -15.58 1.87 13.03
CA SER A 166 -15.38 0.54 13.56
C SER A 166 -15.84 -0.50 12.55
N GLY A 167 -15.04 -1.55 12.41
CA GLY A 167 -15.26 -2.61 11.45
C GLY A 167 -15.01 -2.28 10.00
N VAL A 168 -14.50 -1.09 9.70
CA VAL A 168 -14.35 -0.68 8.29
C VAL A 168 -13.05 -1.24 7.76
N HIS A 169 -13.11 -1.83 6.57
CA HIS A 169 -11.90 -2.28 5.88
C HIS A 169 -11.94 -1.79 4.44
N THR A 170 -10.99 -0.95 4.09
CA THR A 170 -10.87 -0.53 2.69
C THR A 170 -9.68 -1.24 2.09
N PHE A 171 -9.91 -1.94 1.00
CA PHE A 171 -8.86 -2.78 0.47
C PHE A 171 -7.96 -1.99 -0.50
N PRO A 172 -6.67 -2.33 -0.55
CA PRO A 172 -5.79 -1.75 -1.57
C PRO A 172 -6.37 -1.98 -2.95
N ALA A 173 -6.15 -1.01 -3.85
CA ALA A 173 -6.69 -1.12 -5.18
C ALA A 173 -5.89 -2.14 -5.95
N VAL A 174 -6.55 -2.80 -6.90
CA VAL A 174 -5.86 -3.64 -7.88
C VAL A 174 -5.88 -2.96 -9.23
N LEU A 175 -4.79 -3.06 -9.94
CA LEU A 175 -4.67 -2.45 -11.27
C LEU A 175 -5.08 -3.50 -12.28
N GLN A 176 -6.13 -3.21 -13.04
CA GLN A 176 -6.69 -4.19 -13.97
CA GLN A 176 -6.71 -4.17 -13.98
C GLN A 176 -5.99 -4.10 -15.32
N SER A 177 -6.17 -5.13 -16.15
CA SER A 177 -5.48 -5.12 -17.43
C SER A 177 -5.92 -3.95 -18.31
N SER A 178 -7.10 -3.40 -18.03
CA SER A 178 -7.57 -2.23 -18.75
C SER A 178 -6.75 -1.00 -18.44
N GLY A 179 -5.97 -1.02 -17.36
CA GLY A 179 -5.26 0.14 -16.90
C GLY A 179 -6.00 0.90 -15.83
N LEU A 180 -7.18 0.43 -15.43
CA LEU A 180 -7.95 1.09 -14.39
C LEU A 180 -7.84 0.34 -13.09
N TYR A 181 -8.09 1.06 -12.00
CA TYR A 181 -8.01 0.52 -10.66
C TYR A 181 -9.41 0.17 -10.17
N SER A 182 -9.47 -0.78 -9.24
CA SER A 182 -10.73 -0.98 -8.54
C SER A 182 -10.42 -1.46 -7.14
N LEU A 183 -11.28 -1.08 -6.18
CA LEU A 183 -11.16 -1.62 -4.84
C LEU A 183 -12.54 -1.84 -4.26
N SER A 184 -12.57 -2.46 -3.09
CA SER A 184 -13.77 -2.60 -2.28
C SER A 184 -13.53 -2.00 -0.90
N SER A 185 -14.59 -1.46 -0.31
CA SER A 185 -14.59 -1.09 1.10
C SER A 185 -15.78 -1.79 1.74
N VAL A 186 -15.54 -2.40 2.89
CA VAL A 186 -16.54 -3.19 3.57
C VAL A 186 -16.60 -2.74 5.02
N VAL A 187 -17.74 -2.99 5.64
CA VAL A 187 -17.90 -2.79 7.06
C VAL A 187 -18.76 -3.93 7.63
N THR A 188 -18.45 -4.35 8.85
CA THR A 188 -19.24 -5.35 9.56
C THR A 188 -20.00 -4.63 10.66
N VAL A 189 -21.29 -4.94 10.76
CA VAL A 189 -22.20 -4.27 11.70
C VAL A 189 -23.06 -5.32 12.36
N PRO A 190 -23.70 -4.98 13.49
CA PRO A 190 -24.67 -5.92 14.06
C PRO A 190 -25.84 -6.10 13.10
N SER A 191 -26.22 -7.37 12.90
CA SER A 191 -27.37 -7.69 12.06
C SER A 191 -28.62 -6.92 12.49
N SER A 192 -28.86 -6.83 13.80
CA SER A 192 -30.02 -6.09 14.31
C SER A 192 -30.05 -4.64 13.85
N SER A 193 -28.95 -4.11 13.32
CA SER A 193 -28.91 -2.72 12.85
C SER A 193 -29.47 -2.56 11.44
N LEU A 194 -29.62 -3.64 10.69
CA LEU A 194 -29.85 -3.51 9.26
C LEU A 194 -31.20 -2.88 8.95
N GLY A 195 -32.17 -3.03 9.85
CA GLY A 195 -33.48 -2.46 9.62
C GLY A 195 -33.69 -1.09 10.21
N THR A 196 -32.66 -0.51 10.80
CA THR A 196 -32.78 0.76 11.51
C THR A 196 -31.68 1.74 11.20
N GLN A 197 -30.48 1.28 10.85
CA GLN A 197 -29.32 2.12 10.68
C GLN A 197 -28.99 2.18 9.20
N THR A 198 -28.92 3.38 8.65
CA THR A 198 -28.55 3.56 7.25
C THR A 198 -27.03 3.56 7.12
N TYR A 199 -26.53 2.89 6.09
CA TYR A 199 -25.10 2.82 5.84
C TYR A 199 -24.83 3.41 4.46
N ILE A 200 -23.93 4.38 4.42
CA ILE A 200 -23.60 5.11 3.20
C ILE A 200 -22.09 5.13 3.08
N CYS A 201 -21.57 4.68 1.96
CA CYS A 201 -20.14 4.77 1.69
CA CYS A 201 -20.14 4.79 1.73
C CYS A 201 -19.85 6.04 0.90
N ASN A 202 -18.90 6.83 1.37
CA ASN A 202 -18.52 8.07 0.73
C ASN A 202 -17.21 7.84 -0.02
N VAL A 203 -17.26 7.97 -1.33
CA VAL A 203 -16.13 7.63 -2.21
C VAL A 203 -15.61 8.92 -2.83
N ASN A 204 -14.35 9.23 -2.61
CA ASN A 204 -13.79 10.51 -3.09
C ASN A 204 -12.59 10.23 -3.98
N HIS A 205 -12.66 10.68 -5.23
CA HIS A 205 -11.59 10.44 -6.21
C HIS A 205 -11.19 11.83 -6.66
N LYS A 206 -10.28 12.43 -5.90
CA LYS A 206 -9.90 13.81 -6.18
C LYS A 206 -9.28 14.00 -7.56
N PRO A 207 -8.50 13.06 -8.12
CA PRO A 207 -7.96 13.28 -9.47
C PRO A 207 -8.99 13.56 -10.53
N SER A 208 -10.17 12.91 -10.46
CA SER A 208 -11.24 13.15 -11.41
C SER A 208 -12.30 14.09 -10.86
N ASN A 209 -12.09 14.61 -9.65
CA ASN A 209 -13.06 15.45 -8.97
C ASN A 209 -14.42 14.75 -8.85
N THR A 210 -14.37 13.47 -8.45
CA THR A 210 -15.54 12.62 -8.31
C THR A 210 -15.77 12.31 -6.84
N LYS A 211 -16.95 12.61 -6.35
CA LYS A 211 -17.38 12.15 -5.04
C LYS A 211 -18.69 11.41 -5.21
N VAL A 212 -18.76 10.20 -4.66
CA VAL A 212 -19.97 9.38 -4.73
C VAL A 212 -20.36 8.97 -3.31
N ASP A 213 -21.62 9.15 -2.98
CA ASP A 213 -22.20 8.66 -1.74
C ASP A 213 -23.22 7.60 -2.11
N LYS A 214 -22.99 6.37 -1.67
CA LYS A 214 -23.85 5.26 -2.06
C LYS A 214 -24.49 4.65 -0.81
N LYS A 215 -25.82 4.69 -0.76
CA LYS A 215 -26.55 4.00 0.29
C LYS A 215 -26.52 2.50 0.01
N VAL A 216 -26.20 1.73 1.03
CA VAL A 216 -26.09 0.28 0.90
C VAL A 216 -27.22 -0.31 1.71
N GLU A 217 -28.18 -0.94 1.03
CA GLU A 217 -29.37 -1.38 1.72
C GLU A 217 -29.47 -2.90 1.71
N PRO A 218 -30.03 -3.48 2.77
CA PRO A 218 -30.07 -4.95 2.90
C PRO A 218 -30.87 -5.62 1.80
N LYS A 219 -30.58 -6.92 1.62
CA LYS A 219 -31.12 -7.75 0.55
C LYS A 219 -30.94 -7.11 -0.82
N ASP B 1 27.63 -0.76 -7.54
CA ASP B 1 28.24 -2.08 -7.43
C ASP B 1 27.90 -2.76 -6.10
N ILE B 2 27.24 -2.03 -5.20
CA ILE B 2 26.93 -2.54 -3.87
C ILE B 2 25.48 -3.00 -3.84
N VAL B 3 25.24 -4.23 -3.37
CA VAL B 3 23.92 -4.83 -3.31
C VAL B 3 23.61 -5.20 -1.86
N MET B 4 22.46 -4.75 -1.36
CA MET B 4 22.03 -4.98 0.01
C MET B 4 20.91 -6.01 0.05
N THR B 5 21.06 -7.05 0.87
CA THR B 5 20.06 -8.10 0.97
C THR B 5 19.58 -8.23 2.41
N GLN B 6 18.28 -8.10 2.60
CA GLN B 6 17.67 -8.20 3.93
C GLN B 6 17.05 -9.57 4.15
N SER B 7 17.05 -10.00 5.42
CA SER B 7 16.55 -11.30 5.80
C SER B 7 15.82 -11.16 7.15
N PRO B 8 14.60 -11.69 7.26
CA PRO B 8 13.78 -12.30 6.21
C PRO B 8 13.10 -11.18 5.42
N ASP B 9 12.31 -11.50 4.38
CA ASP B 9 11.52 -10.46 3.71
C ASP B 9 10.32 -10.05 4.53
N SER B 10 9.81 -10.97 5.36
CA SER B 10 8.62 -10.73 6.16
C SER B 10 8.81 -11.36 7.54
N LEU B 11 8.22 -10.75 8.55
CA LEU B 11 8.52 -11.16 9.92
C LEU B 11 7.29 -10.92 10.77
N ALA B 12 6.85 -11.96 11.52
CA ALA B 12 5.72 -11.84 12.46
C ALA B 12 6.23 -12.11 13.87
N VAL B 13 6.05 -11.16 14.76
CA VAL B 13 6.58 -11.26 16.12
C VAL B 13 5.45 -10.84 17.07
N SER B 14 5.32 -11.57 18.18
CA SER B 14 4.23 -11.28 19.11
C SER B 14 4.47 -9.96 19.81
N LEU B 15 3.38 -9.34 20.25
CA LEU B 15 3.46 -8.07 20.96
C LEU B 15 4.44 -8.16 22.13
N GLY B 16 5.29 -7.16 22.26
CA GLY B 16 6.23 -7.08 23.35
C GLY B 16 7.43 -8.00 23.24
N GLU B 17 7.58 -8.73 22.13
CA GLU B 17 8.71 -9.62 21.94
C GLU B 17 9.74 -8.95 21.04
N ARG B 18 10.84 -9.64 20.76
CA ARG B 18 11.97 -9.04 20.06
C ARG B 18 11.89 -9.37 18.58
N ALA B 19 12.05 -8.35 17.75
CA ALA B 19 12.15 -8.54 16.30
C ALA B 19 13.57 -8.16 15.85
N THR B 20 14.15 -8.98 14.98
CA THR B 20 15.48 -8.72 14.45
CA THR B 20 15.48 -8.71 14.44
C THR B 20 15.42 -8.81 12.93
N ILE B 21 16.04 -7.84 12.26
CA ILE B 21 16.10 -7.79 10.80
C ILE B 21 17.56 -7.75 10.40
N ASN B 22 17.95 -8.59 9.44
CA ASN B 22 19.34 -8.64 9.05
C ASN B 22 19.52 -7.95 7.69
N CYS B 23 20.71 -7.42 7.48
CA CYS B 23 21.08 -6.77 6.22
C CYS B 23 22.54 -7.08 6.00
N LYS B 24 22.88 -7.68 4.87
CA LYS B 24 24.27 -7.86 4.50
C LYS B 24 24.52 -7.17 3.17
N SER B 25 25.70 -6.57 3.06
CA SER B 25 26.12 -5.81 1.90
C SER B 25 27.02 -6.65 1.01
N SER B 26 27.08 -6.25 -0.26
CA SER B 26 28.06 -6.82 -1.19
C SER B 26 29.47 -6.35 -0.87
N GLN B 27 29.63 -5.18 -0.28
CA GLN B 27 30.94 -4.61 0.02
C GLN B 27 31.75 -4.43 -1.26
N ASN B 34 38.70 6.61 8.72
CA ASN B 34 37.60 7.20 9.48
C ASN B 34 36.84 6.17 10.33
N ASN B 35 36.71 4.94 9.80
CA ASN B 35 36.26 3.76 10.54
C ASN B 35 34.77 3.75 10.89
N LYS B 36 33.94 4.52 10.19
CA LYS B 36 32.50 4.38 10.37
C LYS B 36 31.94 3.37 9.37
N ASN B 37 30.78 2.81 9.71
CA ASN B 37 30.20 1.73 8.91
C ASN B 37 29.22 2.19 7.85
N TYR B 38 28.70 3.41 7.94
CA TYR B 38 27.86 3.99 6.88
C TYR B 38 26.71 3.05 6.51
N LEU B 39 25.97 2.63 7.52
CA LEU B 39 24.77 1.83 7.28
C LEU B 39 23.63 2.48 8.04
N ALA B 40 22.51 2.67 7.36
CA ALA B 40 21.33 3.29 7.95
C ALA B 40 20.15 2.33 7.88
N TRP B 41 19.28 2.43 8.89
CA TRP B 41 18.00 1.74 8.90
C TRP B 41 16.85 2.74 8.85
N TYR B 42 15.83 2.39 8.08
CA TYR B 42 14.67 3.25 7.92
C TYR B 42 13.40 2.45 8.20
N GLN B 43 12.42 3.12 8.79
CA GLN B 43 11.08 2.59 8.92
C GLN B 43 10.16 3.30 7.94
N GLN B 44 9.30 2.53 7.28
CA GLN B 44 8.37 3.15 6.37
C GLN B 44 6.98 2.57 6.61
N LYS B 45 6.01 3.43 6.83
CA LYS B 45 4.62 3.03 6.93
C LYS B 45 3.88 3.48 5.69
N PRO B 46 2.75 2.84 5.35
CA PRO B 46 2.08 3.14 4.08
C PRO B 46 1.74 4.61 3.92
N GLY B 47 1.99 5.13 2.72
CA GLY B 47 1.72 6.52 2.41
C GLY B 47 2.70 7.52 2.97
N GLN B 48 3.72 7.06 3.71
CA GLN B 48 4.69 7.97 4.33
C GLN B 48 6.07 7.74 3.75
N PRO B 49 6.91 8.79 3.69
CA PRO B 49 8.30 8.57 3.35
C PRO B 49 8.98 7.75 4.41
N PRO B 50 10.06 7.07 4.07
CA PRO B 50 10.83 6.36 5.10
C PRO B 50 11.30 7.35 6.16
N LYS B 51 11.50 6.82 7.36
CA LYS B 51 11.95 7.59 8.51
C LYS B 51 13.28 7.00 8.95
N LEU B 52 14.30 7.85 9.10
CA LEU B 52 15.59 7.36 9.58
C LEU B 52 15.49 6.92 11.04
N LEU B 53 15.89 5.68 11.31
CA LEU B 53 15.97 5.19 12.68
C LEU B 53 17.38 5.15 13.22
N ILE B 54 18.32 4.65 12.42
CA ILE B 54 19.68 4.34 12.84
C ILE B 54 20.60 4.76 11.70
N TYR B 55 21.69 5.45 12.01
CA TYR B 55 22.75 5.74 11.06
C TYR B 55 24.07 5.33 11.67
N TRP B 56 25.12 5.30 10.84
CA TRP B 56 26.43 4.81 11.26
C TRP B 56 26.30 3.43 11.92
N ALA B 57 25.38 2.62 11.39
CA ALA B 57 25.15 1.23 11.78
C ALA B 57 24.46 1.10 13.13
N SER B 58 24.74 1.99 14.07
CA SER B 58 24.30 1.77 15.44
C SER B 58 23.91 3.04 16.19
N THR B 59 23.96 4.22 15.57
CA THR B 59 23.61 5.46 16.24
C THR B 59 22.14 5.73 16.00
N ARG B 60 21.37 5.80 17.09
CA ARG B 60 19.95 6.05 16.98
C ARG B 60 19.72 7.52 16.68
N GLU B 61 18.80 7.79 15.76
CA GLU B 61 18.35 9.16 15.54
C GLU B 61 17.59 9.60 16.79
N SER B 62 17.91 10.80 17.28
CA SER B 62 17.19 11.30 18.45
C SER B 62 15.70 11.29 18.17
N GLY B 63 14.91 10.91 19.19
CA GLY B 63 13.48 10.78 19.05
C GLY B 63 13.02 9.39 18.68
N VAL B 64 13.93 8.56 18.19
CA VAL B 64 13.61 7.17 17.94
C VAL B 64 13.61 6.44 19.28
N PRO B 65 12.54 5.70 19.59
CA PRO B 65 12.47 4.98 20.87
C PRO B 65 13.70 4.10 21.09
N ASP B 66 14.08 4.00 22.36
CA ASP B 66 15.22 3.20 22.78
C ASP B 66 15.06 1.73 22.42
N ARG B 67 13.84 1.27 22.13
CA ARG B 67 13.70 -0.13 21.79
C ARG B 67 14.26 -0.45 20.42
N PHE B 68 14.60 0.57 19.63
CA PHE B 68 15.26 0.35 18.35
C PHE B 68 16.76 0.45 18.52
N SER B 69 17.47 -0.58 18.09
CA SER B 69 18.92 -0.55 18.19
C SER B 69 19.50 -1.21 16.96
N GLY B 70 20.69 -0.79 16.60
CA GLY B 70 21.38 -1.33 15.44
C GLY B 70 22.73 -1.87 15.86
N SER B 71 23.16 -2.93 15.20
CA SER B 71 24.45 -3.52 15.49
C SER B 71 25.04 -4.05 14.19
N GLY B 72 26.27 -4.52 14.27
CA GLY B 72 26.93 -5.12 13.14
C GLY B 72 28.12 -4.30 12.67
N SER B 73 29.02 -4.97 11.96
CA SER B 73 30.18 -4.32 11.38
C SER B 73 30.52 -5.00 10.07
N GLY B 74 31.46 -4.39 9.36
CA GLY B 74 31.91 -4.88 8.08
C GLY B 74 30.81 -5.03 7.05
N THR B 75 30.33 -6.26 6.89
CA THR B 75 29.37 -6.62 5.86
C THR B 75 27.99 -6.99 6.40
N ASP B 76 27.89 -7.34 7.69
CA ASP B 76 26.66 -7.91 8.25
C ASP B 76 26.11 -7.00 9.35
N PHE B 77 24.85 -6.59 9.21
CA PHE B 77 24.22 -5.60 10.09
C PHE B 77 22.82 -6.05 10.50
N THR B 78 22.38 -5.59 11.68
CA THR B 78 21.12 -6.03 12.27
C THR B 78 20.40 -4.88 12.93
N LEU B 79 19.12 -4.72 12.61
CA LEU B 79 18.20 -3.84 13.30
C LEU B 79 17.42 -4.68 14.30
N THR B 80 17.48 -4.31 15.58
CA THR B 80 16.72 -5.03 16.59
C THR B 80 15.62 -4.12 17.12
N ILE B 81 14.40 -4.67 17.27
CA ILE B 81 13.34 -3.98 17.99
C ILE B 81 13.01 -4.81 19.22
N SER B 82 13.38 -4.32 20.38
CA SER B 82 12.98 -4.98 21.61
C SER B 82 11.54 -4.58 21.90
N SER B 83 10.76 -5.51 22.43
CA SER B 83 9.36 -5.22 22.75
C SER B 83 8.64 -4.60 21.55
N LEU B 84 8.29 -5.42 20.57
CA LEU B 84 7.57 -4.92 19.42
C LEU B 84 6.23 -4.33 19.84
N GLN B 85 5.95 -3.12 19.37
CA GLN B 85 4.62 -2.53 19.55
C GLN B 85 3.86 -2.58 18.23
N ALA B 86 2.55 -2.46 18.33
CA ALA B 86 1.73 -2.39 17.13
C ALA B 86 2.12 -1.19 16.31
N GLU B 87 2.55 -0.12 16.97
CA GLU B 87 3.05 1.07 16.29
CA GLU B 87 3.09 1.09 16.34
C GLU B 87 4.30 0.80 15.46
N ASP B 88 4.94 -0.35 15.60
CA ASP B 88 6.15 -0.67 14.84
C ASP B 88 5.88 -1.49 13.60
N VAL B 89 4.64 -1.86 13.37
CA VAL B 89 4.31 -2.58 12.15
C VAL B 89 4.56 -1.64 10.98
N ALA B 90 5.41 -2.07 10.06
CA ALA B 90 5.99 -1.24 9.02
C ALA B 90 6.92 -2.07 8.16
N VAL B 91 7.46 -1.46 7.13
CA VAL B 91 8.52 -2.06 6.32
C VAL B 91 9.80 -1.36 6.72
N TYR B 92 10.84 -2.13 7.00
CA TYR B 92 12.14 -1.58 7.36
C TYR B 92 13.13 -1.80 6.22
N TYR B 93 13.98 -0.79 6.00
CA TYR B 93 14.97 -0.79 4.92
C TYR B 93 16.36 -0.48 5.48
N CYS B 94 17.37 -1.19 4.97
CA CYS B 94 18.73 -0.76 5.23
C CYS B 94 19.29 -0.02 4.03
N GLN B 95 20.35 0.74 4.27
CA GLN B 95 20.88 1.56 3.20
C GLN B 95 22.36 1.73 3.45
N GLN B 96 23.15 1.51 2.40
CA GLN B 96 24.59 1.75 2.42
C GLN B 96 24.94 2.56 1.19
N TYR B 97 25.49 3.75 1.40
CA TYR B 97 25.75 4.69 0.31
C TYR B 97 24.48 4.89 -0.50
N TYR B 98 24.47 4.45 -1.76
CA TYR B 98 23.32 4.66 -2.62
C TYR B 98 22.54 3.37 -2.89
N SER B 99 22.78 2.32 -2.12
CA SER B 99 22.05 1.05 -2.22
C SER B 99 21.07 0.91 -1.06
N PHE B 100 19.87 0.42 -1.35
CA PHE B 100 18.86 0.09 -0.35
C PHE B 100 18.67 -1.41 -0.33
N GLY B 101 18.46 -1.97 0.85
CA GLY B 101 17.95 -3.33 0.94
C GLY B 101 16.56 -3.44 0.34
N GLY B 102 16.12 -4.68 0.14
CA GLY B 102 14.81 -4.84 -0.48
C GLY B 102 13.65 -4.65 0.48
N GLY B 103 13.91 -4.43 1.75
CA GLY B 103 12.83 -4.20 2.71
C GLY B 103 12.35 -5.45 3.42
N THR B 104 11.94 -5.25 4.67
CA THR B 104 11.45 -6.34 5.51
C THR B 104 10.14 -5.89 6.14
N LYS B 105 9.07 -6.63 5.87
CA LYS B 105 7.77 -6.33 6.46
C LYS B 105 7.75 -6.86 7.89
N VAL B 106 7.34 -6.05 8.85
CA VAL B 106 7.20 -6.51 10.23
C VAL B 106 5.72 -6.45 10.60
N GLU B 107 5.18 -7.57 11.13
CA GLU B 107 3.80 -7.60 11.57
C GLU B 107 3.70 -8.21 12.97
N ILE B 108 2.59 -7.94 13.64
CA ILE B 108 2.33 -8.53 14.96
C ILE B 108 1.84 -9.95 14.79
N LYS B 109 2.48 -10.89 15.48
CA LYS B 109 1.99 -12.25 15.48
C LYS B 109 0.94 -12.36 16.58
N ARG B 110 -0.15 -13.05 16.29
CA ARG B 110 -1.21 -13.20 17.24
C ARG B 110 -1.79 -14.59 17.08
N THR B 111 -2.70 -14.93 17.98
CA THR B 111 -3.33 -16.25 17.94
C THR B 111 -4.12 -16.39 16.64
N VAL B 112 -4.27 -17.64 16.19
CA VAL B 112 -5.03 -17.90 14.97
C VAL B 112 -6.44 -17.37 15.13
N ALA B 113 -6.96 -16.76 14.07
CA ALA B 113 -8.34 -16.29 14.06
C ALA B 113 -8.91 -16.68 12.72
N ALA B 114 -9.98 -17.48 12.73
CA ALA B 114 -10.59 -17.92 11.50
C ALA B 114 -11.33 -16.75 10.86
N PRO B 115 -11.36 -16.67 9.53
CA PRO B 115 -12.19 -15.65 8.89
C PRO B 115 -13.67 -15.92 9.09
N SER B 116 -14.41 -14.83 9.19
CA SER B 116 -15.83 -14.83 8.92
C SER B 116 -15.97 -14.60 7.42
N VAL B 117 -16.79 -15.42 6.76
CA VAL B 117 -16.87 -15.39 5.31
C VAL B 117 -18.20 -14.79 4.92
N PHE B 118 -18.17 -13.90 3.94
CA PHE B 118 -19.38 -13.26 3.44
C PHE B 118 -19.28 -13.22 1.94
N ILE B 119 -20.40 -13.38 1.26
CA ILE B 119 -20.39 -13.33 -0.19
C ILE B 119 -21.43 -12.32 -0.64
N PHE B 120 -21.10 -11.58 -1.67
CA PHE B 120 -21.92 -10.51 -2.20
C PHE B 120 -22.14 -10.80 -3.68
N PRO B 121 -23.38 -10.97 -4.11
CA PRO B 121 -23.67 -11.06 -5.54
C PRO B 121 -23.43 -9.72 -6.22
N PRO B 122 -23.26 -9.72 -7.54
CA PRO B 122 -23.23 -8.45 -8.26
C PRO B 122 -24.52 -7.68 -8.01
N SER B 123 -24.39 -6.37 -7.87
CA SER B 123 -25.58 -5.53 -7.83
C SER B 123 -26.23 -5.46 -9.22
N ASP B 124 -27.52 -5.13 -9.23
CA ASP B 124 -28.18 -4.88 -10.51
C ASP B 124 -27.62 -3.64 -11.20
N GLU B 125 -27.22 -2.64 -10.44
CA GLU B 125 -26.59 -1.47 -11.05
C GLU B 125 -25.40 -1.90 -11.90
N GLN B 126 -24.50 -2.70 -11.34
CA GLN B 126 -23.36 -3.15 -12.11
C GLN B 126 -23.80 -4.00 -13.29
N LEU B 127 -24.75 -4.90 -13.07
CA LEU B 127 -25.23 -5.78 -14.14
C LEU B 127 -25.78 -4.97 -15.30
N LYS B 128 -26.45 -3.86 -15.01
CA LYS B 128 -26.92 -3.01 -16.09
C LYS B 128 -25.77 -2.38 -16.86
N SER B 129 -24.64 -2.12 -16.18
CA SER B 129 -23.47 -1.57 -16.86
C SER B 129 -22.74 -2.61 -17.72
N GLY B 130 -23.12 -3.88 -17.64
CA GLY B 130 -22.55 -4.90 -18.50
C GLY B 130 -21.54 -5.83 -17.86
N THR B 131 -21.25 -5.70 -16.57
CA THR B 131 -20.29 -6.56 -15.90
C THR B 131 -20.88 -7.07 -14.60
N ALA B 132 -20.24 -8.11 -14.07
CA ALA B 132 -20.73 -8.78 -12.87
C ALA B 132 -19.54 -9.11 -12.00
N SER B 133 -19.42 -8.43 -10.86
CA SER B 133 -18.35 -8.72 -9.93
C SER B 133 -18.95 -9.44 -8.74
N VAL B 134 -18.42 -10.61 -8.45
CA VAL B 134 -18.83 -11.35 -7.26
C VAL B 134 -17.73 -11.16 -6.24
N VAL B 135 -18.10 -10.73 -5.04
CA VAL B 135 -17.13 -10.41 -4.02
C VAL B 135 -17.28 -11.38 -2.86
N CYS B 136 -16.17 -12.01 -2.49
CA CYS B 136 -16.07 -12.87 -1.34
C CYS B 136 -15.19 -12.17 -0.31
N LEU B 137 -15.75 -11.93 0.87
CA LEU B 137 -15.05 -11.24 1.95
C LEU B 137 -14.61 -12.23 3.02
N LEU B 138 -13.33 -12.17 3.38
CA LEU B 138 -12.76 -12.92 4.50
C LEU B 138 -12.37 -11.88 5.53
N ASN B 139 -13.01 -11.93 6.69
CA ASN B 139 -12.92 -10.80 7.61
C ASN B 139 -12.23 -11.22 8.90
N ASN B 140 -11.29 -10.38 9.33
CA ASN B 140 -10.63 -10.47 10.63
C ASN B 140 -10.04 -11.84 10.89
N PHE B 141 -9.07 -12.22 10.07
CA PHE B 141 -8.41 -13.50 10.26
C PHE B 141 -6.91 -13.33 10.48
N TYR B 142 -6.31 -14.43 10.92
CA TYR B 142 -4.89 -14.48 11.17
C TYR B 142 -4.56 -15.95 11.23
N PRO B 143 -3.47 -16.37 10.57
CA PRO B 143 -2.51 -15.55 9.80
C PRO B 143 -3.04 -15.19 8.42
N ARG B 144 -2.18 -14.52 7.64
CA ARG B 144 -2.56 -13.93 6.36
C ARG B 144 -2.81 -14.97 5.28
N GLU B 145 -2.19 -16.14 5.38
CA GLU B 145 -2.39 -17.15 4.37
C GLU B 145 -3.84 -17.65 4.45
N ALA B 146 -4.55 -17.59 3.33
CA ALA B 146 -5.92 -18.08 3.23
C ALA B 146 -6.12 -18.54 1.79
N LYS B 147 -6.88 -19.62 1.61
CA LYS B 147 -7.16 -20.11 0.27
C LYS B 147 -8.61 -19.80 -0.04
N VAL B 148 -8.84 -19.10 -1.14
CA VAL B 148 -10.18 -18.75 -1.58
C VAL B 148 -10.40 -19.44 -2.91
N GLN B 149 -11.42 -20.29 -2.97
CA GLN B 149 -11.75 -20.99 -4.20
C GLN B 149 -13.12 -20.53 -4.67
N TRP B 150 -13.20 -20.17 -5.93
CA TRP B 150 -14.47 -19.78 -6.54
C TRP B 150 -15.06 -20.97 -7.26
N LYS B 151 -16.37 -21.17 -7.10
CA LYS B 151 -17.07 -22.25 -7.81
C LYS B 151 -18.29 -21.66 -8.50
N VAL B 152 -18.43 -21.96 -9.78
CA VAL B 152 -19.53 -21.48 -10.59
C VAL B 152 -20.21 -22.72 -11.14
N ASP B 153 -21.48 -22.92 -10.76
CA ASP B 153 -22.17 -24.20 -10.96
C ASP B 153 -21.28 -25.40 -10.62
N ASN B 154 -20.69 -25.32 -9.43
CA ASN B 154 -19.72 -26.29 -8.91
C ASN B 154 -18.44 -26.42 -9.72
N ALA B 155 -18.28 -25.69 -10.83
CA ALA B 155 -17.03 -25.71 -11.59
C ALA B 155 -15.97 -24.87 -10.88
N LEU B 156 -14.83 -25.47 -10.58
CA LEU B 156 -13.76 -24.73 -9.90
C LEU B 156 -13.17 -23.67 -10.83
N GLN B 157 -13.08 -22.44 -10.33
CA GLN B 157 -12.58 -21.31 -11.08
C GLN B 157 -11.09 -21.12 -10.81
N SER B 158 -10.32 -20.87 -11.87
CA SER B 158 -8.90 -20.64 -11.69
C SER B 158 -8.46 -19.48 -12.57
N GLY B 159 -7.80 -18.49 -11.96
CA GLY B 159 -7.13 -17.43 -12.68
C GLY B 159 -7.98 -16.29 -13.20
N ASN B 160 -9.18 -16.11 -12.66
CA ASN B 160 -10.13 -15.10 -13.12
C ASN B 160 -10.74 -14.37 -11.94
N SER B 161 -10.01 -14.31 -10.85
CA SER B 161 -10.38 -13.52 -9.68
C SER B 161 -9.17 -12.74 -9.27
N GLN B 162 -9.40 -11.71 -8.46
CA GLN B 162 -8.33 -10.84 -7.98
C GLN B 162 -8.51 -10.67 -6.49
N GLU B 163 -7.41 -10.78 -5.75
CA GLU B 163 -7.48 -10.66 -4.31
C GLU B 163 -6.76 -9.40 -3.87
N SER B 164 -7.21 -8.88 -2.74
CA SER B 164 -6.58 -7.74 -2.11
C SER B 164 -6.66 -7.97 -0.60
N VAL B 165 -5.62 -7.56 0.12
CA VAL B 165 -5.55 -7.85 1.54
C VAL B 165 -5.23 -6.55 2.27
N THR B 166 -5.94 -6.27 3.36
CA THR B 166 -5.66 -5.04 4.09
C THR B 166 -4.30 -5.11 4.78
N GLU B 167 -3.81 -3.96 5.20
CA GLU B 167 -2.74 -3.92 6.18
C GLU B 167 -3.26 -4.50 7.47
N GLN B 168 -2.35 -5.03 8.27
CA GLN B 168 -2.76 -5.65 9.52
C GLN B 168 -3.48 -4.63 10.39
N ASP B 169 -4.61 -5.03 10.97
CA ASP B 169 -5.41 -4.11 11.77
C ASP B 169 -4.69 -3.84 13.09
N SER B 170 -4.41 -2.55 13.37
CA SER B 170 -3.66 -2.23 14.59
C SER B 170 -4.41 -2.65 15.86
N LYS B 171 -5.75 -2.69 15.81
CA LYS B 171 -6.51 -2.99 17.02
C LYS B 171 -6.41 -4.47 17.40
N ASP B 172 -6.73 -5.36 16.45
CA ASP B 172 -6.78 -6.80 16.75
C ASP B 172 -5.77 -7.61 15.99
N SER B 173 -4.90 -6.97 15.20
CA SER B 173 -3.78 -7.64 14.55
C SER B 173 -4.25 -8.67 13.53
N THR B 174 -5.46 -8.49 13.02
CA THR B 174 -5.97 -9.39 11.99
C THR B 174 -5.82 -8.77 10.59
N TYR B 175 -6.11 -9.61 9.61
CA TYR B 175 -6.21 -9.23 8.22
C TYR B 175 -7.63 -9.45 7.75
N SER B 176 -8.01 -8.72 6.70
CA SER B 176 -9.19 -9.04 5.92
C SER B 176 -8.77 -9.14 4.46
N LEU B 177 -9.54 -9.89 3.69
CA LEU B 177 -9.20 -10.14 2.30
C LEU B 177 -10.48 -10.07 1.50
N SER B 178 -10.41 -9.45 0.34
CA SER B 178 -11.50 -9.49 -0.62
C SER B 178 -11.04 -10.29 -1.82
N SER B 179 -11.90 -11.16 -2.33
CA SER B 179 -11.64 -11.83 -3.59
C SER B 179 -12.75 -11.48 -4.54
N THR B 180 -12.39 -10.95 -5.71
CA THR B 180 -13.39 -10.50 -6.67
C THR B 180 -13.32 -11.37 -7.93
N LEU B 181 -14.38 -12.11 -8.17
CA LEU B 181 -14.57 -12.79 -9.43
C LEU B 181 -15.33 -11.84 -10.36
N THR B 182 -14.72 -11.47 -11.46
CA THR B 182 -15.39 -10.61 -12.41
C THR B 182 -15.68 -11.39 -13.69
N LEU B 183 -16.94 -11.37 -14.10
CA LEU B 183 -17.39 -12.02 -15.33
C LEU B 183 -18.15 -11.01 -16.14
N SER B 184 -18.21 -11.22 -17.45
CA SER B 184 -19.14 -10.42 -18.21
C SER B 184 -20.56 -10.74 -17.77
N LYS B 185 -21.47 -9.78 -17.97
CA LYS B 185 -22.86 -10.04 -17.68
C LYS B 185 -23.31 -11.33 -18.38
N ALA B 186 -22.85 -11.55 -19.61
CA ALA B 186 -23.23 -12.75 -20.35
C ALA B 186 -22.75 -14.02 -19.66
N ASP B 187 -21.48 -14.04 -19.22
CA ASP B 187 -20.97 -15.19 -18.49
C ASP B 187 -21.77 -15.41 -17.21
N TYR B 188 -22.10 -14.32 -16.51
CA TYR B 188 -22.80 -14.43 -15.24
C TYR B 188 -24.21 -15.00 -15.44
N GLU B 189 -24.86 -14.63 -16.54
CA GLU B 189 -26.22 -15.10 -16.81
C GLU B 189 -26.23 -16.56 -17.21
N LYS B 190 -25.11 -17.08 -17.68
CA LYS B 190 -25.01 -18.47 -18.14
C LYS B 190 -24.89 -19.45 -16.98
N HIS B 191 -24.85 -18.95 -15.75
CA HIS B 191 -24.61 -19.83 -14.62
C HIS B 191 -25.52 -19.44 -13.47
N LYS B 192 -25.72 -20.39 -12.58
CA LYS B 192 -26.67 -20.26 -11.49
C LYS B 192 -26.00 -20.25 -10.13
N TYR B 194 -23.20 -19.64 -7.54
CA TYR B 194 -21.93 -18.92 -7.28
C TYR B 194 -21.51 -19.13 -5.85
N ALA B 195 -20.28 -19.57 -5.67
CA ALA B 195 -19.87 -20.00 -4.35
C ALA B 195 -18.41 -19.66 -4.15
N CYS B 196 -18.07 -19.28 -2.93
CA CYS B 196 -16.70 -19.01 -2.55
CA CYS B 196 -16.68 -19.07 -2.59
C CYS B 196 -16.38 -19.93 -1.38
N GLU B 197 -15.37 -20.76 -1.52
CA GLU B 197 -15.03 -21.76 -0.52
C GLU B 197 -13.71 -21.36 0.12
N VAL B 198 -13.73 -21.18 1.44
CA VAL B 198 -12.60 -20.62 2.14
C VAL B 198 -11.95 -21.71 2.98
N THR B 199 -10.65 -21.83 2.82
CA THR B 199 -9.82 -22.69 3.64
C THR B 199 -8.86 -21.82 4.41
N HIS B 200 -8.69 -22.09 5.71
CA HIS B 200 -7.83 -21.27 6.55
C HIS B 200 -7.45 -22.08 7.77
N GLN B 201 -6.27 -21.76 8.32
CA GLN B 201 -5.78 -22.48 9.48
C GLN B 201 -6.80 -22.50 10.62
N GLY B 202 -7.60 -21.45 10.75
CA GLY B 202 -8.53 -21.40 11.88
C GLY B 202 -9.83 -22.16 11.69
N LEU B 203 -10.07 -22.70 10.49
CA LEU B 203 -11.31 -23.40 10.19
C LEU B 203 -11.07 -24.89 10.18
N ARG B 204 -11.88 -25.63 10.93
CA ARG B 204 -11.74 -27.08 10.99
C ARG B 204 -12.10 -27.71 9.66
N SER B 205 -13.07 -27.13 8.96
CA SER B 205 -13.42 -27.59 7.64
C SER B 205 -13.74 -26.35 6.83
N PRO B 206 -13.62 -26.41 5.49
CA PRO B 206 -13.78 -25.19 4.70
C PRO B 206 -15.16 -24.59 4.89
N VAL B 207 -15.23 -23.29 4.78
CA VAL B 207 -16.49 -22.57 4.84
C VAL B 207 -16.88 -22.17 3.42
N THR B 208 -18.08 -22.56 3.00
CA THR B 208 -18.55 -22.15 1.68
C THR B 208 -19.74 -21.24 1.84
N LYS B 209 -19.70 -20.08 1.21
CA LYS B 209 -20.86 -19.22 1.11
C LYS B 209 -21.28 -19.25 -0.35
N SER B 210 -22.58 -19.33 -0.60
CA SER B 210 -23.00 -19.43 -1.99
C SER B 210 -24.32 -18.69 -2.15
N PHE B 211 -24.65 -18.36 -3.39
CA PHE B 211 -25.97 -17.82 -3.68
C PHE B 211 -26.34 -18.24 -5.09
N ASN B 212 -27.64 -18.31 -5.35
CA ASN B 212 -28.14 -18.47 -6.71
C ASN B 212 -28.31 -17.10 -7.34
N ARG B 213 -27.82 -16.94 -8.57
CA ARG B 213 -28.27 -15.83 -9.40
C ARG B 213 -29.79 -15.82 -9.44
N GLY B 214 -30.38 -14.66 -9.13
CA GLY B 214 -31.84 -14.53 -9.14
C GLY B 214 -32.54 -14.48 -7.80
#